data_1ZTT
#
_entry.id   1ZTT
#
_cell.length_a   54.569
_cell.length_b   145.611
_cell.length_c   46.811
_cell.angle_alpha   90.00
_cell.angle_beta   90.00
_cell.angle_gamma   90.00
#
_symmetry.space_group_name_H-M   'P 21 21 2'
#
loop_
_entity.id
_entity.type
_entity.pdbx_description
1 polymer "5'-D(*CP*TP*TP*AP*AP*TP*TP*C)-3'"
2 polymer "5'-D(P*GP*AP*AP*TP*TP*AP*AP*G)-3'"
3 polymer 'Reverse transcriptase'
4 non-polymer NETROPSIN
5 water water
#
loop_
_entity_poly.entity_id
_entity_poly.type
_entity_poly.pdbx_seq_one_letter_code
_entity_poly.pdbx_strand_id
1 'polydeoxyribonucleotide' (DC)(DT)(DT)(DA)(DA)(DT)(DT)(DC) B
2 'polydeoxyribonucleotide' (DG)(DA)(DA)(DT)(DT)(DA)(DA)(DG) G
3 'polypeptide(L)'
;TWLSDFPQAWAETGGMGLAVRQAPLIIPLKATSTPVSIKQYPMSQEARLGIKPHIQRLLDQGILVPCQSPWNTPLLPVKK
PGTNDYRPVQDLREVNKRVEDIHPTVPNPYNLLSGLPPSHQWYTVLDLKDAFFCLRLHPTSQPLFAFEWRDPEMGISGQL
TWTRLPQGFKNSPTLFDEALHRDLADFRIQHPDLILLQYVDDLLLAATSELDCQQGTRALLQTLGNLGYRASAKKAQICQ
KQVKYLGYLLKEGQR
;
A
#
# COMPACT_ATOMS: atom_id res chain seq x y z
N THR C 1 -3.99 -21.51 15.83
CA THR C 1 -2.87 -20.59 15.48
C THR C 1 -3.08 -19.97 14.09
N TRP C 2 -3.60 -18.75 14.08
CA TRP C 2 -3.85 -18.04 12.84
C TRP C 2 -2.55 -17.78 12.09
N LEU C 3 -1.46 -17.64 12.84
CA LEU C 3 -0.16 -17.37 12.25
C LEU C 3 0.38 -18.53 11.42
N SER C 4 0.49 -19.70 12.02
CA SER C 4 1.03 -20.86 11.31
C SER C 4 0.09 -21.46 10.26
N ASP C 5 -1.20 -21.19 10.37
CA ASP C 5 -2.17 -21.72 9.41
C ASP C 5 -2.17 -20.99 8.07
N PHE C 6 -1.71 -19.75 8.07
CA PHE C 6 -1.70 -18.95 6.85
C PHE C 6 -0.37 -18.22 6.65
N PRO C 7 0.72 -18.99 6.44
CA PRO C 7 2.08 -18.48 6.23
C PRO C 7 2.20 -17.43 5.12
N GLN C 8 1.51 -17.69 4.02
CA GLN C 8 1.55 -16.81 2.86
C GLN C 8 0.81 -15.48 3.05
N ALA C 9 -0.25 -15.51 3.86
CA ALA C 9 -1.07 -14.33 4.10
C ALA C 9 -0.45 -13.24 4.97
N TRP C 10 0.45 -13.63 5.88
CA TRP C 10 1.07 -12.65 6.78
C TRP C 10 2.37 -12.08 6.25
N ALA C 11 2.54 -10.77 6.42
CA ALA C 11 3.75 -10.10 5.97
C ALA C 11 4.99 -10.64 6.71
N GLU C 12 4.79 -11.01 7.96
CA GLU C 12 5.89 -11.53 8.77
C GLU C 12 6.48 -12.84 8.24
N THR C 13 5.67 -13.62 7.52
CA THR C 13 6.15 -14.90 7.01
C THR C 13 5.94 -15.18 5.52
N GLY C 14 5.19 -14.34 4.82
CA GLY C 14 4.95 -14.58 3.40
C GLY C 14 5.81 -13.84 2.42
N GLY C 15 6.77 -13.06 2.90
CA GLY C 15 7.62 -12.30 1.99
C GLY C 15 6.87 -11.10 1.44
N MET C 16 7.60 -10.21 0.75
CA MET C 16 7.00 -9.01 0.16
C MET C 16 5.92 -9.43 -0.84
N GLY C 17 4.80 -8.72 -0.84
CA GLY C 17 3.72 -9.05 -1.74
C GLY C 17 3.92 -8.62 -3.18
N LEU C 18 2.97 -9.03 -4.02
CA LEU C 18 2.97 -8.71 -5.43
C LEU C 18 1.61 -9.22 -5.91
N ALA C 19 0.75 -8.30 -6.34
CA ALA C 19 -0.60 -8.64 -6.80
C ALA C 19 -0.50 -9.26 -8.19
N VAL C 20 -0.32 -10.57 -8.22
CA VAL C 20 -0.15 -11.30 -9.47
C VAL C 20 -1.28 -11.24 -10.50
N ARG C 21 -2.50 -10.95 -10.04
CA ARG C 21 -3.65 -10.89 -10.94
C ARG C 21 -3.88 -9.52 -11.58
N GLN C 22 -3.18 -8.51 -11.08
CA GLN C 22 -3.33 -7.16 -11.58
C GLN C 22 -2.29 -6.80 -12.63
N ALA C 23 -2.77 -6.30 -13.77
CA ALA C 23 -1.88 -5.91 -14.85
C ALA C 23 -1.08 -4.68 -14.40
N PRO C 24 0.21 -4.59 -14.81
CA PRO C 24 1.03 -3.45 -14.42
C PRO C 24 0.29 -2.17 -14.81
N LEU C 25 0.26 -1.21 -13.90
CA LEU C 25 -0.45 0.04 -14.10
C LEU C 25 0.21 1.05 -15.03
N ILE C 26 -0.60 1.60 -15.93
CA ILE C 26 -0.16 2.64 -16.85
C ILE C 26 -0.74 3.93 -16.28
N ILE C 27 0.11 4.93 -16.12
CA ILE C 27 -0.30 6.22 -15.55
C ILE C 27 -0.42 7.29 -16.63
N PRO C 28 -1.66 7.59 -17.09
CA PRO C 28 -1.86 8.61 -18.13
C PRO C 28 -1.51 10.03 -17.69
N LEU C 29 -0.78 10.74 -18.54
CA LEU C 29 -0.40 12.13 -18.25
C LEU C 29 -1.45 13.06 -18.84
N LYS C 30 -1.50 14.29 -18.34
CA LYS C 30 -2.42 15.28 -18.86
C LYS C 30 -1.97 15.55 -20.29
N ALA C 31 -2.88 16.02 -21.12
CA ALA C 31 -2.59 16.29 -22.54
C ALA C 31 -1.44 17.24 -22.84
N THR C 32 -1.14 18.17 -21.93
CA THR C 32 -0.06 19.12 -22.19
C THR C 32 1.23 18.87 -21.42
N SER C 33 1.28 17.80 -20.65
CA SER C 33 2.46 17.51 -19.85
C SER C 33 3.73 17.12 -20.61
N THR C 34 4.86 17.61 -20.09
CA THR C 34 6.18 17.30 -20.63
C THR C 34 7.01 17.00 -19.37
N PRO C 35 8.03 16.14 -19.47
CA PRO C 35 8.84 15.82 -18.30
C PRO C 35 9.44 17.02 -17.57
N VAL C 36 9.57 16.88 -16.25
CA VAL C 36 10.17 17.93 -15.44
C VAL C 36 11.30 17.26 -14.67
N SER C 37 12.46 17.89 -14.65
CA SER C 37 13.62 17.34 -13.96
C SER C 37 14.05 18.33 -12.89
N ILE C 38 13.68 18.05 -11.65
CA ILE C 38 14.01 18.91 -10.53
C ILE C 38 15.31 18.46 -9.88
N LYS C 39 16.21 19.40 -9.66
CA LYS C 39 17.51 19.10 -9.06
C LYS C 39 17.37 18.59 -7.63
N GLN C 40 18.20 17.60 -7.29
CA GLN C 40 18.20 17.04 -5.95
C GLN C 40 19.00 17.96 -5.05
N TYR C 41 18.37 18.55 -4.05
CA TYR C 41 19.13 19.42 -3.16
C TYR C 41 20.10 18.56 -2.36
N PRO C 42 21.36 19.02 -2.24
CA PRO C 42 22.41 18.31 -1.51
C PRO C 42 21.92 17.72 -0.19
N MET C 43 22.17 16.43 -0.02
CA MET C 43 21.76 15.73 1.19
C MET C 43 22.96 15.53 2.10
N SER C 44 22.78 15.78 3.40
CA SER C 44 23.87 15.62 4.35
C SER C 44 24.25 14.15 4.44
N GLN C 45 25.47 13.87 4.90
CA GLN C 45 25.90 12.48 5.02
C GLN C 45 25.01 11.75 6.03
N GLU C 46 24.62 12.43 7.09
CA GLU C 46 23.78 11.83 8.13
C GLU C 46 22.50 11.30 7.48
N ALA C 47 21.88 12.14 6.66
CA ALA C 47 20.63 11.76 6.00
C ALA C 47 20.86 10.59 5.03
N ARG C 48 21.92 10.70 4.24
CA ARG C 48 22.26 9.66 3.26
C ARG C 48 22.48 8.31 3.95
N LEU C 49 23.21 8.31 5.07
CA LEU C 49 23.45 7.06 5.80
C LEU C 49 22.16 6.50 6.37
N GLY C 50 21.27 7.39 6.80
CA GLY C 50 20.00 6.94 7.35
C GLY C 50 19.09 6.32 6.30
N ILE C 51 19.13 6.88 5.09
CA ILE C 51 18.31 6.41 3.97
C ILE C 51 18.86 5.17 3.25
N LYS C 52 20.19 5.11 3.17
CA LYS C 52 20.86 4.02 2.47
C LYS C 52 20.34 2.59 2.68
N PRO C 53 20.13 2.17 3.94
CA PRO C 53 19.63 0.81 4.18
C PRO C 53 18.30 0.52 3.49
N HIS C 54 17.41 1.50 3.48
CA HIS C 54 16.11 1.35 2.85
C HIS C 54 16.23 1.23 1.34
N ILE C 55 17.09 2.06 0.75
CA ILE C 55 17.30 2.03 -0.69
C ILE C 55 17.83 0.67 -1.12
N GLN C 56 18.79 0.14 -0.36
CA GLN C 56 19.37 -1.15 -0.69
C GLN C 56 18.34 -2.28 -0.59
N ARG C 57 17.52 -2.24 0.45
CA ARG C 57 16.49 -3.25 0.63
C ARG C 57 15.52 -3.22 -0.55
N LEU C 58 15.11 -2.02 -0.94
CA LEU C 58 14.18 -1.85 -2.05
C LEU C 58 14.83 -2.29 -3.37
N LEU C 59 16.13 -2.06 -3.50
CA LEU C 59 16.83 -2.48 -4.70
C LEU C 59 16.88 -4.00 -4.72
N ASP C 60 17.19 -4.60 -3.57
CA ASP C 60 17.26 -6.04 -3.47
C ASP C 60 15.89 -6.68 -3.76
N GLN C 61 14.84 -6.00 -3.31
CA GLN C 61 13.48 -6.48 -3.53
C GLN C 61 12.99 -6.21 -4.95
N GLY C 62 13.78 -5.47 -5.73
CA GLY C 62 13.41 -5.17 -7.09
C GLY C 62 12.36 -4.07 -7.20
N ILE C 63 12.05 -3.45 -6.07
CA ILE C 63 11.05 -2.38 -6.02
C ILE C 63 11.64 -1.09 -6.60
N LEU C 64 12.96 -0.94 -6.48
CA LEU C 64 13.68 0.17 -7.06
C LEU C 64 14.62 -0.43 -8.08
N VAL C 65 14.84 0.26 -9.20
CA VAL C 65 15.76 -0.20 -10.22
C VAL C 65 16.45 1.00 -10.84
N PRO C 66 17.69 0.81 -11.33
CA PRO C 66 18.44 1.90 -11.95
C PRO C 66 17.69 2.37 -13.19
N CYS C 67 17.89 3.62 -13.59
CA CYS C 67 17.24 4.13 -14.78
C CYS C 67 17.82 5.47 -15.21
N GLN C 68 17.49 5.88 -16.43
CA GLN C 68 17.90 7.16 -16.97
C GLN C 68 16.58 7.75 -17.43
N SER C 69 16.12 8.78 -16.74
CA SER C 69 14.83 9.37 -17.09
C SER C 69 14.84 10.88 -17.20
N PRO C 70 14.00 11.42 -18.10
CA PRO C 70 13.87 12.87 -18.31
C PRO C 70 13.13 13.48 -17.11
N TRP C 71 12.53 12.62 -16.30
CA TRP C 71 11.81 13.05 -15.11
C TRP C 71 12.72 12.89 -13.90
N ASN C 72 12.58 13.78 -12.93
CA ASN C 72 13.35 13.67 -11.71
C ASN C 72 12.73 14.55 -10.63
N THR C 73 12.50 13.96 -9.46
CA THR C 73 11.96 14.71 -8.34
C THR C 73 12.84 14.46 -7.13
N PRO C 74 12.85 15.42 -6.19
CA PRO C 74 13.62 15.44 -4.95
C PRO C 74 13.28 14.40 -3.89
N LEU C 75 14.32 13.99 -3.18
CA LEU C 75 14.18 13.05 -2.08
C LEU C 75 14.49 13.95 -0.89
N LEU C 76 13.71 13.88 0.18
CA LEU C 76 13.98 14.74 1.32
C LEU C 76 14.33 13.99 2.61
N PRO C 77 15.13 14.62 3.49
CA PRO C 77 15.58 14.07 4.78
C PRO C 77 14.47 14.15 5.83
N VAL C 78 13.75 13.04 6.05
CA VAL C 78 12.66 13.02 7.02
C VAL C 78 13.02 12.26 8.30
N LYS C 79 12.39 12.65 9.40
CA LYS C 79 12.61 12.03 10.70
C LYS C 79 11.69 12.66 11.75
N LYS C 80 10.40 12.60 11.49
CA LYS C 80 9.36 13.17 12.37
C LYS C 80 9.84 13.51 13.79
N PRO C 81 10.26 12.51 14.57
CA PRO C 81 10.73 12.80 15.94
C PRO C 81 11.86 13.82 15.94
N GLY C 82 13.09 13.34 15.77
CA GLY C 82 14.23 14.23 15.75
C GLY C 82 15.55 13.47 15.87
N THR C 83 15.53 12.40 16.67
CA THR C 83 16.74 11.59 16.88
C THR C 83 16.72 10.33 16.02
N ASN C 84 17.57 10.30 15.00
CA ASN C 84 17.69 9.16 14.11
C ASN C 84 16.43 8.90 13.26
N ASP C 85 16.05 7.62 13.18
CA ASP C 85 14.89 7.18 12.41
C ASP C 85 14.67 7.92 11.09
N TYR C 86 15.34 7.46 10.04
CA TYR C 86 15.21 8.05 8.72
C TYR C 86 14.41 7.15 7.79
N ARG C 87 13.83 7.77 6.77
CA ARG C 87 13.02 7.07 5.77
C ARG C 87 12.97 7.97 4.55
N PRO C 88 13.17 7.40 3.35
CA PRO C 88 13.14 8.19 2.12
C PRO C 88 11.74 8.69 1.78
N VAL C 89 11.59 10.00 1.63
CA VAL C 89 10.31 10.60 1.26
C VAL C 89 10.53 11.41 0.00
N GLN C 90 9.80 11.07 -1.05
CA GLN C 90 9.93 11.73 -2.34
C GLN C 90 8.87 12.83 -2.52
N ASP C 91 9.30 13.99 -2.99
CA ASP C 91 8.36 15.08 -3.24
C ASP C 91 7.88 14.94 -4.68
N LEU C 92 6.74 14.29 -4.85
CA LEU C 92 6.18 14.04 -6.18
C LEU C 92 5.16 15.09 -6.64
N ARG C 93 5.10 16.25 -5.98
CA ARG C 93 4.13 17.26 -6.36
C ARG C 93 4.17 17.71 -7.82
N GLU C 94 5.35 17.88 -8.39
CA GLU C 94 5.46 18.32 -9.79
C GLU C 94 5.04 17.22 -10.76
N VAL C 95 5.15 15.97 -10.31
CA VAL C 95 4.72 14.85 -11.13
C VAL C 95 3.20 14.77 -11.01
N ASN C 96 2.69 14.85 -9.78
CA ASN C 96 1.24 14.81 -9.56
C ASN C 96 0.51 15.82 -10.42
N LYS C 97 1.06 17.04 -10.49
CA LYS C 97 0.45 18.11 -11.28
C LYS C 97 0.37 17.80 -12.77
N ARG C 98 1.23 16.91 -13.25
CA ARG C 98 1.25 16.58 -14.68
C ARG C 98 0.54 15.28 -15.02
N VAL C 99 -0.01 14.60 -14.02
CA VAL C 99 -0.71 13.35 -14.22
C VAL C 99 -2.23 13.59 -14.29
N GLU C 100 -2.89 12.96 -15.24
CA GLU C 100 -4.33 13.13 -15.42
C GLU C 100 -5.12 12.74 -14.16
N ASP C 101 -6.10 13.55 -13.80
CA ASP C 101 -6.91 13.28 -12.62
C ASP C 101 -7.85 12.09 -12.83
N ILE C 102 -8.15 11.36 -11.76
CA ILE C 102 -9.09 10.25 -11.84
C ILE C 102 -10.14 10.53 -10.77
N HIS C 103 -11.35 10.02 -10.96
CA HIS C 103 -12.42 10.23 -9.99
C HIS C 103 -12.04 9.60 -8.64
N PRO C 104 -12.24 10.32 -7.54
CA PRO C 104 -11.92 9.82 -6.19
C PRO C 104 -12.99 8.80 -5.78
N THR C 105 -12.71 7.51 -5.95
CA THR C 105 -13.70 6.48 -5.63
C THR C 105 -13.67 5.90 -4.21
N VAL C 106 -12.65 6.23 -3.44
CA VAL C 106 -12.56 5.71 -2.08
C VAL C 106 -13.59 6.47 -1.21
N PRO C 107 -14.52 5.74 -0.58
CA PRO C 107 -15.52 6.39 0.26
C PRO C 107 -14.89 6.95 1.53
N ASN C 108 -15.49 7.98 2.12
CA ASN C 108 -14.92 8.50 3.36
C ASN C 108 -15.34 7.54 4.46
N PRO C 109 -14.50 7.39 5.50
CA PRO C 109 -14.80 6.47 6.60
C PRO C 109 -16.23 6.52 7.12
N TYR C 110 -16.77 7.72 7.29
CA TYR C 110 -18.13 7.86 7.81
C TYR C 110 -19.14 7.08 6.98
N ASN C 111 -19.14 7.30 5.67
CA ASN C 111 -20.07 6.59 4.80
C ASN C 111 -19.76 5.10 4.74
N LEU C 112 -18.47 4.77 4.68
CA LEU C 112 -18.09 3.37 4.62
C LEU C 112 -18.69 2.59 5.78
N LEU C 113 -18.62 3.15 6.98
CA LEU C 113 -19.16 2.46 8.15
C LEU C 113 -20.68 2.37 8.18
N SER C 114 -21.36 3.20 7.40
CA SER C 114 -22.83 3.15 7.36
C SER C 114 -23.29 1.81 6.79
N GLY C 115 -22.37 1.08 6.17
CA GLY C 115 -22.70 -0.20 5.59
C GLY C 115 -22.47 -1.35 6.55
N LEU C 116 -22.34 -1.03 7.84
CA LEU C 116 -22.12 -2.04 8.87
C LEU C 116 -23.42 -2.27 9.65
N PRO C 117 -24.13 -3.38 9.34
CA PRO C 117 -25.39 -3.77 9.98
C PRO C 117 -25.25 -4.28 11.41
N PRO C 118 -26.20 -3.91 12.29
CA PRO C 118 -26.20 -4.33 13.70
C PRO C 118 -26.25 -5.85 13.86
N SER C 119 -26.70 -6.52 12.81
CA SER C 119 -26.81 -7.98 12.79
C SER C 119 -25.43 -8.65 12.76
N HIS C 120 -24.43 -7.90 12.33
CA HIS C 120 -23.07 -8.42 12.24
C HIS C 120 -22.19 -7.77 13.29
N GLN C 121 -22.01 -8.42 14.44
CA GLN C 121 -21.19 -7.84 15.49
C GLN C 121 -19.91 -8.59 15.83
N TRP C 122 -19.50 -9.52 14.98
CA TRP C 122 -18.24 -10.24 15.18
C TRP C 122 -17.30 -9.74 14.09
N TYR C 123 -16.19 -9.13 14.49
CA TYR C 123 -15.27 -8.56 13.54
C TYR C 123 -13.83 -9.04 13.49
N THR C 124 -13.22 -8.80 12.35
CA THR C 124 -11.81 -9.08 12.12
C THR C 124 -11.32 -7.86 11.35
N VAL C 125 -10.23 -7.27 11.82
CA VAL C 125 -9.64 -6.11 11.17
C VAL C 125 -8.23 -6.46 10.76
N LEU C 126 -7.90 -6.18 9.51
CA LEU C 126 -6.58 -6.44 8.96
C LEU C 126 -6.09 -5.23 8.21
N ASP C 127 -4.78 -4.99 8.24
CA ASP C 127 -4.23 -3.89 7.48
C ASP C 127 -3.15 -4.55 6.62
N LEU C 128 -3.18 -4.25 5.33
CA LEU C 128 -2.21 -4.84 4.41
C LEU C 128 -0.90 -4.07 4.48
N LYS C 129 0.20 -4.80 4.57
CA LYS C 129 1.54 -4.21 4.67
C LYS C 129 2.11 -3.87 3.28
N ASP C 130 2.71 -2.69 3.17
CA ASP C 130 3.30 -2.23 1.93
C ASP C 130 2.34 -2.49 0.77
N ALA C 131 1.09 -2.08 0.96
CA ALA C 131 0.04 -2.28 -0.04
C ALA C 131 0.36 -1.73 -1.42
N PHE C 132 0.73 -0.45 -1.51
CA PHE C 132 1.01 0.15 -2.82
C PHE C 132 2.10 -0.63 -3.55
N PHE C 133 3.12 -1.07 -2.82
CA PHE C 133 4.22 -1.82 -3.43
C PHE C 133 3.79 -3.14 -4.04
N CYS C 134 2.61 -3.64 -3.69
CA CYS C 134 2.14 -4.89 -4.26
C CYS C 134 1.66 -4.72 -5.70
N LEU C 135 1.36 -3.48 -6.08
CA LEU C 135 0.89 -3.21 -7.44
C LEU C 135 2.02 -2.79 -8.35
N ARG C 136 2.24 -3.57 -9.39
CA ARG C 136 3.29 -3.28 -10.35
C ARG C 136 2.96 -2.06 -11.19
N LEU C 137 4.00 -1.36 -11.63
CA LEU C 137 3.87 -0.20 -12.50
C LEU C 137 4.33 -0.67 -13.87
N HIS C 138 3.61 -0.30 -14.93
CA HIS C 138 4.02 -0.68 -16.28
C HIS C 138 5.34 0.02 -16.59
N PRO C 139 6.27 -0.66 -17.29
CA PRO C 139 7.56 -0.07 -17.64
C PRO C 139 7.48 1.30 -18.29
N THR C 140 6.42 1.55 -19.05
CA THR C 140 6.27 2.85 -19.71
C THR C 140 6.06 3.99 -18.71
N SER C 141 5.44 3.66 -17.58
CA SER C 141 5.15 4.65 -16.55
C SER C 141 6.23 4.75 -15.47
N GLN C 142 7.12 3.77 -15.40
CA GLN C 142 8.17 3.79 -14.39
C GLN C 142 9.09 5.01 -14.40
N PRO C 143 9.52 5.49 -15.58
CA PRO C 143 10.40 6.66 -15.65
C PRO C 143 9.84 7.91 -14.98
N LEU C 144 8.52 7.99 -14.91
CA LEU C 144 7.85 9.14 -14.31
C LEU C 144 8.28 9.45 -12.87
N PHE C 145 8.54 8.42 -12.08
CA PHE C 145 8.87 8.58 -10.68
C PHE C 145 10.36 8.51 -10.31
N ALA C 146 11.23 8.81 -11.26
CA ALA C 146 12.66 8.72 -11.01
C ALA C 146 13.21 9.78 -10.06
N PHE C 147 14.29 9.43 -9.37
CA PHE C 147 14.96 10.34 -8.45
C PHE C 147 16.45 9.99 -8.47
N GLU C 148 17.26 10.90 -7.96
CA GLU C 148 18.70 10.70 -7.94
C GLU C 148 19.19 9.97 -6.69
N TRP C 149 20.25 9.20 -6.84
CA TRP C 149 20.85 8.49 -5.72
C TRP C 149 22.32 8.22 -6.00
N ARG C 150 23.14 8.34 -4.97
CA ARG C 150 24.58 8.10 -5.10
C ARG C 150 25.27 7.99 -3.75
N ASP C 151 26.47 7.44 -3.77
CA ASP C 151 27.29 7.29 -2.57
C ASP C 151 28.61 8.00 -2.84
N PRO C 152 29.16 8.70 -1.83
CA PRO C 152 30.43 9.42 -1.97
C PRO C 152 31.51 8.65 -2.72
N GLU C 153 31.30 7.34 -2.87
CA GLU C 153 32.25 6.50 -3.57
C GLU C 153 31.59 5.70 -4.71
N MET C 154 31.46 4.39 -4.53
CA MET C 154 30.85 3.53 -5.55
C MET C 154 29.33 3.63 -5.59
N GLY C 155 28.82 4.84 -5.45
CA GLY C 155 27.38 5.05 -5.48
C GLY C 155 26.73 4.68 -6.80
N ILE C 156 25.44 4.39 -6.75
CA ILE C 156 24.66 4.00 -7.93
C ILE C 156 24.95 4.92 -9.11
N SER C 157 24.76 4.41 -10.32
CA SER C 157 25.00 5.17 -11.54
C SER C 157 24.50 6.61 -11.42
N GLY C 158 23.20 6.78 -11.26
CA GLY C 158 22.64 8.11 -11.13
C GLY C 158 21.22 8.10 -10.61
N GLN C 159 20.26 7.74 -11.46
CA GLN C 159 18.87 7.70 -11.06
C GLN C 159 18.33 6.31 -10.78
N LEU C 160 17.30 6.28 -9.94
CA LEU C 160 16.62 5.05 -9.58
C LEU C 160 15.14 5.38 -9.73
N THR C 161 14.31 4.37 -9.99
CA THR C 161 12.88 4.62 -10.05
C THR C 161 12.12 3.41 -9.53
N TRP C 162 10.83 3.59 -9.35
CA TRP C 162 9.94 2.56 -8.81
C TRP C 162 9.33 1.63 -9.85
N THR C 163 9.20 0.34 -9.51
CA THR C 163 8.59 -0.62 -10.42
C THR C 163 7.21 -0.97 -9.85
N ARG C 164 6.88 -0.35 -8.71
CA ARG C 164 5.60 -0.56 -8.04
C ARG C 164 4.98 0.81 -7.76
N LEU C 165 3.67 0.83 -7.51
CA LEU C 165 2.93 2.07 -7.22
C LEU C 165 3.65 2.73 -6.02
N PRO C 166 4.13 3.97 -6.20
CA PRO C 166 4.85 4.68 -5.15
C PRO C 166 4.09 5.53 -4.14
N GLN C 167 4.73 5.75 -3.00
CA GLN C 167 4.20 6.59 -1.95
C GLN C 167 4.31 8.01 -2.48
N GLY C 168 3.41 8.89 -2.04
CA GLY C 168 3.49 10.27 -2.47
C GLY C 168 2.83 10.60 -3.80
N PHE C 169 2.40 9.57 -4.53
CA PHE C 169 1.72 9.75 -5.82
C PHE C 169 0.25 9.96 -5.51
N LYS C 170 -0.31 11.05 -6.05
CA LYS C 170 -1.71 11.40 -5.76
C LYS C 170 -2.77 10.34 -6.01
N ASN C 171 -2.55 9.46 -6.98
CA ASN C 171 -3.55 8.44 -7.28
C ASN C 171 -3.33 7.06 -6.66
N SER C 172 -2.24 6.88 -5.91
CA SER C 172 -1.98 5.58 -5.31
C SER C 172 -3.10 5.04 -4.43
N PRO C 173 -3.64 5.87 -3.51
CA PRO C 173 -4.73 5.35 -2.67
C PRO C 173 -5.91 4.83 -3.48
N THR C 174 -6.39 5.65 -4.41
CA THR C 174 -7.54 5.27 -5.22
C THR C 174 -7.26 4.07 -6.12
N LEU C 175 -6.10 4.07 -6.78
CA LEU C 175 -5.76 2.96 -7.65
C LEU C 175 -5.62 1.66 -6.86
N PHE C 176 -5.08 1.75 -5.64
CA PHE C 176 -4.95 0.53 -4.86
C PHE C 176 -6.32 0.02 -4.44
N ASP C 177 -7.18 0.93 -3.97
CA ASP C 177 -8.52 0.56 -3.52
C ASP C 177 -9.29 -0.13 -4.65
N GLU C 178 -9.21 0.43 -5.85
CA GLU C 178 -9.92 -0.15 -6.99
C GLU C 178 -9.35 -1.51 -7.35
N ALA C 179 -8.03 -1.65 -7.29
CA ALA C 179 -7.39 -2.93 -7.61
C ALA C 179 -7.80 -4.02 -6.63
N LEU C 180 -7.79 -3.71 -5.33
CA LEU C 180 -8.16 -4.72 -4.34
C LEU C 180 -9.63 -5.09 -4.48
N HIS C 181 -10.47 -4.12 -4.83
CA HIS C 181 -11.89 -4.39 -5.03
C HIS C 181 -12.04 -5.41 -6.15
N ARG C 182 -11.25 -5.25 -7.22
CA ARG C 182 -11.31 -6.19 -8.33
C ARG C 182 -10.89 -7.58 -7.87
N ASP C 183 -9.82 -7.63 -7.07
CA ASP C 183 -9.32 -8.92 -6.59
C ASP C 183 -10.18 -9.58 -5.53
N LEU C 184 -10.98 -8.80 -4.79
CA LEU C 184 -11.83 -9.39 -3.75
C LEU C 184 -13.29 -9.57 -4.16
N ALA C 185 -13.60 -9.24 -5.42
CA ALA C 185 -14.96 -9.37 -5.92
C ALA C 185 -15.51 -10.79 -5.76
N ASP C 186 -14.72 -11.78 -6.15
CA ASP C 186 -15.14 -13.17 -6.06
C ASP C 186 -15.38 -13.60 -4.61
N PHE C 187 -14.50 -13.19 -3.70
CA PHE C 187 -14.64 -13.53 -2.29
C PHE C 187 -15.99 -13.04 -1.79
N ARG C 188 -16.37 -11.83 -2.16
CA ARG C 188 -17.65 -11.27 -1.74
C ARG C 188 -18.79 -12.14 -2.25
N ILE C 189 -18.65 -12.64 -3.48
CA ILE C 189 -19.67 -13.49 -4.07
C ILE C 189 -19.76 -14.86 -3.39
N GLN C 190 -18.62 -15.40 -2.98
CA GLN C 190 -18.58 -16.70 -2.32
C GLN C 190 -19.00 -16.63 -0.85
N HIS C 191 -19.05 -15.42 -0.30
CA HIS C 191 -19.43 -15.23 1.10
C HIS C 191 -20.46 -14.12 1.24
N PRO C 192 -21.68 -14.35 0.73
CA PRO C 192 -22.80 -13.40 0.74
C PRO C 192 -23.26 -12.96 2.14
N ASP C 193 -23.07 -13.80 3.13
CA ASP C 193 -23.49 -13.48 4.49
C ASP C 193 -22.47 -12.65 5.28
N LEU C 194 -21.31 -12.39 4.68
CA LEU C 194 -20.29 -11.60 5.36
C LEU C 194 -20.28 -10.18 4.83
N ILE C 195 -19.89 -9.24 5.68
CA ILE C 195 -19.79 -7.83 5.31
C ILE C 195 -18.31 -7.54 5.23
N LEU C 196 -17.86 -6.98 4.11
CA LEU C 196 -16.45 -6.65 3.96
C LEU C 196 -16.30 -5.17 3.60
N LEU C 197 -15.67 -4.42 4.48
CA LEU C 197 -15.45 -3.00 4.26
C LEU C 197 -13.97 -2.81 3.89
N GLN C 198 -13.73 -2.07 2.81
CA GLN C 198 -12.37 -1.80 2.35
C GLN C 198 -12.11 -0.30 2.30
N TYR C 199 -11.01 0.13 2.92
CA TYR C 199 -10.61 1.53 2.89
C TYR C 199 -9.13 1.47 2.55
N VAL C 200 -8.84 1.40 1.26
CA VAL C 200 -7.47 1.31 0.78
C VAL C 200 -6.84 0.04 1.37
N ASP C 201 -5.91 0.18 2.31
CA ASP C 201 -5.26 -0.99 2.89
C ASP C 201 -5.82 -1.45 4.24
N ASP C 202 -6.93 -0.87 4.67
CA ASP C 202 -7.56 -1.24 5.93
C ASP C 202 -8.86 -1.99 5.69
N LEU C 203 -8.89 -3.25 6.14
CA LEU C 203 -10.06 -4.09 5.93
C LEU C 203 -10.79 -4.46 7.21
N LEU C 204 -12.12 -4.54 7.11
CA LEU C 204 -12.96 -4.94 8.25
C LEU C 204 -13.88 -6.02 7.71
N LEU C 205 -13.87 -7.18 8.36
CA LEU C 205 -14.74 -8.28 7.96
C LEU C 205 -15.72 -8.45 9.12
N ALA C 206 -17.01 -8.51 8.81
CA ALA C 206 -18.01 -8.65 9.87
C ALA C 206 -18.94 -9.85 9.63
N ALA C 207 -19.20 -10.59 10.70
CA ALA C 207 -20.05 -11.77 10.63
C ALA C 207 -21.10 -11.73 11.73
N THR C 208 -22.11 -12.58 11.59
CA THR C 208 -23.20 -12.66 12.56
C THR C 208 -22.87 -13.50 13.78
N SER C 209 -21.82 -14.31 13.68
CA SER C 209 -21.41 -15.18 14.79
C SER C 209 -19.90 -15.37 14.80
N GLU C 210 -19.38 -15.82 15.94
CA GLU C 210 -17.95 -16.05 16.08
C GLU C 210 -17.48 -17.09 15.07
N LEU C 211 -18.26 -18.18 14.95
CA LEU C 211 -17.92 -19.24 14.01
C LEU C 211 -17.85 -18.72 12.58
N ASP C 212 -18.86 -17.97 12.16
CA ASP C 212 -18.88 -17.43 10.80
C ASP C 212 -17.70 -16.50 10.56
N CYS C 213 -17.33 -15.74 11.59
CA CYS C 213 -16.22 -14.82 11.48
C CYS C 213 -14.91 -15.61 11.37
N GLN C 214 -14.83 -16.71 12.11
CA GLN C 214 -13.65 -17.56 12.08
C GLN C 214 -13.46 -18.15 10.69
N GLN C 215 -14.54 -18.71 10.14
CA GLN C 215 -14.49 -19.33 8.82
C GLN C 215 -14.24 -18.28 7.75
N GLY C 216 -14.87 -17.12 7.92
CA GLY C 216 -14.71 -16.05 6.95
C GLY C 216 -13.30 -15.50 6.97
N THR C 217 -12.72 -15.38 8.17
CA THR C 217 -11.37 -14.86 8.29
C THR C 217 -10.37 -15.83 7.67
N ARG C 218 -10.60 -17.13 7.84
CA ARG C 218 -9.70 -18.11 7.26
C ARG C 218 -9.73 -17.95 5.75
N ALA C 219 -10.93 -17.86 5.18
CA ALA C 219 -11.09 -17.72 3.74
C ALA C 219 -10.45 -16.43 3.21
N LEU C 220 -10.64 -15.33 3.92
CA LEU C 220 -10.09 -14.05 3.49
C LEU C 220 -8.56 -14.06 3.52
N LEU C 221 -7.99 -14.59 4.59
CA LEU C 221 -6.54 -14.67 4.71
C LEU C 221 -6.00 -15.56 3.59
N GLN C 222 -6.67 -16.68 3.36
CA GLN C 222 -6.24 -17.60 2.32
C GLN C 222 -6.25 -16.90 0.96
N THR C 223 -7.34 -16.19 0.69
CA THR C 223 -7.53 -15.47 -0.57
C THR C 223 -6.50 -14.33 -0.75
N LEU C 224 -6.31 -13.54 0.30
CA LEU C 224 -5.35 -12.44 0.23
C LEU C 224 -3.94 -12.95 -0.07
N GLY C 225 -3.52 -13.99 0.63
CA GLY C 225 -2.19 -14.55 0.40
C GLY C 225 -2.02 -15.09 -1.00
N ASN C 226 -3.04 -15.78 -1.49
CA ASN C 226 -3.00 -16.36 -2.82
C ASN C 226 -2.90 -15.28 -3.90
N LEU C 227 -3.59 -14.16 -3.67
CA LEU C 227 -3.60 -13.04 -4.60
C LEU C 227 -2.30 -12.23 -4.56
N GLY C 228 -1.49 -12.44 -3.52
CA GLY C 228 -0.23 -11.74 -3.42
C GLY C 228 -0.18 -10.58 -2.45
N TYR C 229 -1.22 -10.42 -1.64
CA TYR C 229 -1.26 -9.36 -0.65
C TYR C 229 -0.72 -9.89 0.68
N ARG C 230 -0.34 -9.00 1.58
CA ARG C 230 0.23 -9.43 2.86
C ARG C 230 -0.33 -8.58 3.99
N ALA C 231 -0.91 -9.23 4.98
CA ALA C 231 -1.49 -8.53 6.12
C ALA C 231 -0.53 -8.54 7.32
N SER C 232 -0.66 -7.54 8.19
CA SER C 232 0.19 -7.43 9.37
C SER C 232 -0.35 -8.35 10.48
N ALA C 233 0.41 -9.39 10.82
CA ALA C 233 -0.02 -10.31 11.86
C ALA C 233 0.05 -9.63 13.22
N LYS C 234 1.05 -8.75 13.36
CA LYS C 234 1.27 -8.02 14.60
C LYS C 234 0.07 -7.15 14.99
N LYS C 235 -0.56 -6.51 14.01
CA LYS C 235 -1.69 -5.62 14.27
C LYS C 235 -3.07 -6.23 14.07
N ALA C 236 -3.12 -7.47 13.59
CA ALA C 236 -4.42 -8.11 13.33
C ALA C 236 -5.31 -8.26 14.56
N GLN C 237 -6.60 -8.00 14.36
CA GLN C 237 -7.61 -8.13 15.40
C GLN C 237 -8.54 -9.19 14.82
N ILE C 238 -8.46 -10.40 15.36
CA ILE C 238 -9.24 -11.50 14.84
C ILE C 238 -10.43 -11.96 15.66
N CYS C 239 -11.59 -11.99 15.01
CA CYS C 239 -12.84 -12.42 15.62
C CYS C 239 -13.07 -11.84 17.01
N GLN C 240 -13.20 -10.53 17.08
CA GLN C 240 -13.44 -9.83 18.34
C GLN C 240 -14.78 -9.11 18.24
N LYS C 241 -15.46 -8.90 19.37
CA LYS C 241 -16.72 -8.19 19.33
C LYS C 241 -16.44 -6.71 19.54
N GLN C 242 -15.16 -6.40 19.75
CA GLN C 242 -14.72 -5.03 19.94
C GLN C 242 -13.41 -4.82 19.18
N VAL C 243 -13.41 -3.88 18.24
CA VAL C 243 -12.21 -3.61 17.44
C VAL C 243 -12.03 -2.14 17.11
N LYS C 244 -10.79 -1.76 16.81
CA LYS C 244 -10.47 -0.40 16.42
C LYS C 244 -10.33 -0.42 14.90
N TYR C 245 -11.14 0.39 14.23
CA TYR C 245 -11.09 0.44 12.77
C TYR C 245 -11.27 1.88 12.30
N LEU C 246 -10.32 2.35 11.51
CA LEU C 246 -10.34 3.71 10.98
C LEU C 246 -10.55 4.80 12.04
N GLY C 247 -9.87 4.66 13.18
CA GLY C 247 -9.99 5.64 14.23
C GLY C 247 -11.20 5.48 15.13
N TYR C 248 -12.10 4.58 14.76
CA TYR C 248 -13.29 4.33 15.57
C TYR C 248 -13.13 3.06 16.38
N LEU C 249 -13.86 2.99 17.50
CA LEU C 249 -13.86 1.80 18.33
C LEU C 249 -15.25 1.23 18.11
N LEU C 250 -15.31 0.08 17.46
CA LEU C 250 -16.60 -0.56 17.19
C LEU C 250 -16.95 -1.42 18.39
N LYS C 251 -18.01 -1.03 19.10
CA LYS C 251 -18.44 -1.74 20.29
C LYS C 251 -19.95 -1.63 20.48
N GLU C 252 -20.58 -2.75 20.82
CA GLU C 252 -22.02 -2.79 21.04
C GLU C 252 -22.77 -2.14 19.89
N GLY C 253 -22.30 -2.38 18.66
CA GLY C 253 -22.92 -1.82 17.49
C GLY C 253 -22.80 -0.32 17.39
N GLN C 254 -22.02 0.27 18.29
CA GLN C 254 -21.83 1.72 18.28
C GLN C 254 -20.68 2.16 17.39
N ARG C 255 -20.84 3.34 16.79
CA ARG C 255 -19.87 3.93 15.89
C ARG C 255 -19.84 3.27 14.53
#